data_4MUE
#
_entry.id   4MUE
#
_cell.length_a   48.640
_cell.length_b   70.440
_cell.length_c   81.900
_cell.angle_alpha   90.00
_cell.angle_beta   99.60
_cell.angle_gamma   90.00
#
_symmetry.space_group_name_H-M   'P 1 21 1'
#
loop_
_entity.id
_entity.type
_entity.pdbx_description
1 polymer 'Pantothenate synthetase'
2 non-polymer '[5-methoxy-2-({[4-(trifluoromethyl)phenyl]sulfonyl}carbamoyl)-1H-indol-1-yl]acetic acid'
3 non-polymer ETHANOL
4 non-polymer 1,2-ETHANEDIOL
5 water water
#
_entity_poly.entity_id   1
_entity_poly.type   'polypeptide(L)'
_entity_poly.pdbx_seq_one_letter_code
;MAIPAFHPGELNVYSAPGDVADVSRALRLTGRRVMLVPTMGALHEGHLALVRAAKRVPGSVVVVSIFVNPMQFGAGGDLD
AYPRTPDDDLAQLRAEGVEIAFTPTTAAMYPDGLRTTVQPGPLAAELEGGPRPTHFAGVLTVVLKLLQIVRPDRVFFGEK
DYQQLVLIRQLVADFNLDVAVVGVPTVREADGLAMSSRNRYLDPAQRAAAVALSAALTAAAHAATAGAQAALDAARAVLD
AAPGVAVDYLELRDIGLGPMPLNGSGRLLVAARLGTTRLLDNIAIEIGTFAGTDRPDGYR
;
_entity_poly.pdbx_strand_id   A,B
#
loop_
_chem_comp.id
_chem_comp.type
_chem_comp.name
_chem_comp.formula
2DH non-polymer '[5-methoxy-2-({[4-(trifluoromethyl)phenyl]sulfonyl}carbamoyl)-1H-indol-1-yl]acetic acid' 'C19 H15 F3 N2 O6 S'
EDO non-polymer 1,2-ETHANEDIOL 'C2 H6 O2'
EOH non-polymer ETHANOL 'C2 H6 O'
#
# COMPACT_ATOMS: atom_id res chain seq x y z
N PRO A 4 11.58 3.32 -23.57
CA PRO A 4 10.37 3.47 -24.41
C PRO A 4 10.32 4.82 -25.13
N ALA A 5 9.81 4.84 -26.36
CA ALA A 5 9.55 6.07 -27.11
C ALA A 5 8.41 6.90 -26.50
N PHE A 6 8.69 8.21 -26.36
CA PHE A 6 7.69 9.24 -26.09
C PHE A 6 7.64 10.28 -27.23
N HIS A 7 6.46 10.45 -27.82
CA HIS A 7 6.23 11.51 -28.78
C HIS A 7 5.39 12.67 -28.14
N PRO A 8 6.05 13.83 -27.85
CA PRO A 8 5.29 14.89 -27.18
C PRO A 8 4.25 15.48 -28.08
N GLY A 9 3.11 15.85 -27.49
CA GLY A 9 1.99 16.34 -28.26
C GLY A 9 1.47 15.32 -29.24
N GLU A 10 1.57 14.04 -28.87
CA GLU A 10 0.89 12.92 -29.54
C GLU A 10 0.38 11.95 -28.44
N LEU A 11 -0.56 11.07 -28.79
CA LEU A 11 -1.08 10.09 -27.85
C LEU A 11 -0.19 8.84 -27.87
N ASN A 12 0.57 8.67 -26.80
CA ASN A 12 1.41 7.49 -26.56
C ASN A 12 0.65 6.49 -25.69
N VAL A 13 0.48 5.28 -26.20
CA VAL A 13 -0.27 4.18 -25.54
C VAL A 13 0.72 3.15 -24.96
N TYR A 14 0.70 2.94 -23.65
CA TYR A 14 1.61 1.96 -23.03
C TYR A 14 0.85 0.84 -22.36
N SER A 15 1.32 -0.36 -22.62
CA SER A 15 0.81 -1.59 -22.06
C SER A 15 1.58 -2.05 -20.83
N ALA A 16 2.89 -1.98 -20.89
CA ALA A 16 3.66 -2.52 -19.76
C ALA A 16 3.76 -1.52 -18.60
N PRO A 17 3.49 -1.95 -17.37
CA PRO A 17 3.72 -0.99 -16.27
C PRO A 17 5.09 -0.35 -16.31
N GLY A 18 6.14 -1.16 -16.57
CA GLY A 18 7.51 -0.68 -16.71
C GLY A 18 7.67 0.49 -17.68
N ASP A 19 7.06 0.40 -18.86
CA ASP A 19 7.13 1.44 -19.87
C ASP A 19 6.52 2.73 -19.31
N VAL A 20 5.28 2.69 -18.86
CA VAL A 20 4.67 3.93 -18.35
C VAL A 20 5.44 4.50 -17.12
N ALA A 21 5.96 3.63 -16.25
CA ALA A 21 6.68 4.06 -15.07
C ALA A 21 7.97 4.80 -15.47
N ASP A 22 8.65 4.35 -16.51
CA ASP A 22 9.92 5.00 -16.93
C ASP A 22 9.66 6.33 -17.62
N VAL A 23 8.67 6.35 -18.50
CA VAL A 23 8.23 7.59 -19.13
C VAL A 23 7.72 8.58 -18.11
N SER A 24 6.88 8.13 -17.16
CA SER A 24 6.40 9.02 -16.16
C SER A 24 7.56 9.66 -15.36
N ARG A 25 8.51 8.85 -14.90
CA ARG A 25 9.63 9.35 -14.13
C ARG A 25 10.54 10.28 -14.95
N ALA A 26 10.75 9.96 -16.21
CA ALA A 26 11.61 10.81 -17.04
C ALA A 26 10.97 12.17 -17.13
N LEU A 27 9.72 12.23 -17.59
CA LEU A 27 8.93 13.49 -17.58
C LEU A 27 8.99 14.33 -16.29
N ARG A 28 8.82 13.68 -15.14
CA ARG A 28 8.80 14.39 -13.86
C ARG A 28 10.16 15.04 -13.60
N LEU A 29 11.19 14.30 -13.97
CA LEU A 29 12.55 14.76 -13.85
C LEU A 29 12.79 15.98 -14.71
N THR A 30 12.23 16.05 -15.91
CA THR A 30 12.43 17.21 -16.75
C THR A 30 11.40 18.28 -16.39
N GLY A 31 10.87 18.25 -15.16
CA GLY A 31 10.03 19.36 -14.63
C GLY A 31 8.52 19.32 -14.87
N ARG A 32 8.07 18.41 -15.75
CA ARG A 32 6.65 18.21 -16.02
C ARG A 32 5.87 17.56 -14.85
N ARG A 33 4.66 18.02 -14.66
CA ARG A 33 3.88 17.44 -13.60
C ARG A 33 2.93 16.37 -14.14
N VAL A 34 2.92 15.22 -13.49
CA VAL A 34 2.21 14.05 -13.97
C VAL A 34 0.80 13.97 -13.34
N MET A 35 -0.22 14.10 -14.19
CA MET A 35 -1.62 14.09 -13.77
C MET A 35 -2.16 12.71 -14.12
N LEU A 36 -2.81 12.05 -13.16
CA LEU A 36 -3.37 10.72 -13.47
C LEU A 36 -4.90 10.76 -13.46
N VAL A 37 -5.53 10.27 -14.54
CA VAL A 37 -6.94 10.07 -14.54
C VAL A 37 -7.29 8.56 -14.63
N PRO A 38 -7.61 7.92 -13.50
CA PRO A 38 -7.79 6.45 -13.59
C PRO A 38 -9.18 6.13 -14.10
N THR A 39 -9.29 5.28 -15.11
CA THR A 39 -10.62 4.97 -15.60
C THR A 39 -10.81 3.45 -15.84
N MET A 40 -12.07 3.07 -16.00
CA MET A 40 -12.41 1.73 -16.47
C MET A 40 -12.82 1.78 -17.90
N GLY A 41 -12.37 2.78 -18.62
CA GLY A 41 -12.76 2.98 -20.00
C GLY A 41 -14.25 3.31 -20.11
N ALA A 42 -14.81 3.08 -21.30
CA ALA A 42 -16.15 3.50 -21.64
C ALA A 42 -16.34 4.97 -21.25
N LEU A 43 -15.55 5.84 -21.88
CA LEU A 43 -15.39 7.19 -21.41
C LEU A 43 -16.57 8.04 -21.81
N HIS A 44 -16.95 8.94 -20.92
CA HIS A 44 -17.96 9.90 -21.27
C HIS A 44 -17.48 11.31 -20.89
N GLU A 45 -18.42 12.24 -21.04
CA GLU A 45 -18.17 13.64 -20.77
C GLU A 45 -17.64 13.94 -19.35
N GLY A 46 -17.98 13.11 -18.37
CA GLY A 46 -17.47 13.33 -17.01
C GLY A 46 -15.95 13.07 -16.95
N HIS A 47 -15.51 12.03 -17.65
CA HIS A 47 -14.09 11.76 -17.80
C HIS A 47 -13.37 12.89 -18.53
N LEU A 48 -14.03 13.47 -19.55
CA LEU A 48 -13.42 14.54 -20.35
C LEU A 48 -13.25 15.73 -19.41
N ALA A 49 -14.24 15.97 -18.55
CA ALA A 49 -14.06 16.95 -17.47
C ALA A 49 -12.86 16.65 -16.51
N LEU A 50 -12.56 15.37 -16.24
CA LEU A 50 -11.41 15.05 -15.37
C LEU A 50 -10.16 15.38 -16.13
N VAL A 51 -10.13 14.98 -17.40
CA VAL A 51 -8.96 15.27 -18.27
C VAL A 51 -8.73 16.79 -18.38
N ARG A 52 -9.80 17.53 -18.67
CA ARG A 52 -9.70 18.99 -18.80
C ARG A 52 -9.18 19.62 -17.54
N ALA A 53 -9.66 19.14 -16.39
CA ALA A 53 -9.13 19.71 -15.17
C ALA A 53 -7.67 19.33 -15.02
N ALA A 54 -7.33 18.11 -15.45
CA ALA A 54 -5.96 17.66 -15.30
C ALA A 54 -5.08 18.55 -16.23
N LYS A 55 -5.54 18.77 -17.46
CA LYS A 55 -4.80 19.62 -18.42
C LYS A 55 -4.67 21.07 -17.97
N ARG A 56 -5.60 21.61 -17.23
CA ARG A 56 -5.42 22.99 -16.84
C ARG A 56 -4.31 23.14 -15.76
N VAL A 57 -3.69 22.05 -15.34
CA VAL A 57 -2.59 22.17 -14.38
C VAL A 57 -1.30 22.47 -15.17
N PRO A 58 -0.63 23.62 -14.86
CA PRO A 58 0.40 24.14 -15.81
C PRO A 58 1.60 23.21 -15.96
N GLY A 59 2.09 23.03 -17.18
CA GLY A 59 3.25 22.13 -17.38
C GLY A 59 2.94 20.63 -17.16
N SER A 60 1.65 20.29 -17.08
CA SER A 60 1.21 18.94 -16.79
C SER A 60 1.38 18.05 -18.02
N VAL A 61 1.52 16.77 -17.76
CA VAL A 61 1.40 15.79 -18.82
C VAL A 61 0.29 14.93 -18.23
N VAL A 62 -0.68 14.56 -19.08
CA VAL A 62 -1.80 13.78 -18.60
C VAL A 62 -1.66 12.30 -18.93
N VAL A 63 -1.85 11.48 -17.88
CA VAL A 63 -1.96 10.05 -18.01
C VAL A 63 -3.38 9.57 -17.66
N VAL A 64 -4.00 8.90 -18.62
CA VAL A 64 -5.30 8.33 -18.38
C VAL A 64 -5.07 6.82 -18.38
N SER A 65 -5.47 6.16 -17.32
CA SER A 65 -5.36 4.71 -17.34
C SER A 65 -6.72 4.11 -17.60
N ILE A 66 -6.70 3.01 -18.34
CA ILE A 66 -7.94 2.28 -18.65
C ILE A 66 -7.74 0.82 -18.20
N PHE A 67 -8.45 0.39 -17.19
CA PHE A 67 -8.20 -0.93 -16.70
C PHE A 67 -9.41 -1.33 -15.89
N VAL A 68 -9.92 -2.53 -16.18
CA VAL A 68 -11.04 -3.09 -15.46
C VAL A 68 -10.45 -4.23 -14.61
N ASN A 69 -10.60 -4.14 -13.30
CA ASN A 69 -10.20 -5.28 -12.45
C ASN A 69 -10.82 -6.62 -12.91
N PRO A 70 -10.29 -7.73 -12.48
CA PRO A 70 -11.27 -8.83 -12.28
C PRO A 70 -11.37 -9.25 -10.82
N TYR A 82 -19.77 -6.09 -18.30
CA TYR A 82 -19.21 -4.76 -18.14
C TYR A 82 -18.87 -4.08 -19.49
N PRO A 83 -19.18 -2.75 -19.66
CA PRO A 83 -18.93 -2.01 -20.94
C PRO A 83 -17.45 -1.70 -21.27
N ARG A 84 -16.94 -2.34 -22.32
CA ARG A 84 -15.54 -2.17 -22.75
C ARG A 84 -15.48 -1.71 -24.22
N THR A 85 -15.42 -0.40 -24.43
CA THR A 85 -15.39 0.17 -25.81
C THR A 85 -14.16 1.07 -26.11
N PRO A 86 -12.95 0.45 -26.28
CA PRO A 86 -11.62 1.15 -26.40
C PRO A 86 -11.25 1.87 -27.73
N ASP A 87 -12.00 1.60 -28.81
CA ASP A 87 -11.87 2.42 -30.03
C ASP A 87 -12.35 3.84 -29.72
N ASP A 88 -13.57 3.93 -29.20
CA ASP A 88 -14.12 5.18 -28.74
C ASP A 88 -13.18 5.82 -27.73
N ASP A 89 -12.78 5.06 -26.70
CA ASP A 89 -12.02 5.61 -25.59
C ASP A 89 -10.76 6.36 -26.08
N LEU A 90 -9.88 5.67 -26.80
CA LEU A 90 -8.67 6.30 -27.43
C LEU A 90 -8.87 7.54 -28.32
N ALA A 91 -9.81 7.49 -29.25
CA ALA A 91 -10.15 8.67 -30.11
C ALA A 91 -10.42 9.96 -29.30
N GLN A 92 -11.36 9.87 -28.33
CA GLN A 92 -11.60 10.96 -27.38
C GLN A 92 -10.30 11.51 -26.76
N LEU A 93 -9.37 10.64 -26.33
CA LEU A 93 -8.16 11.13 -25.67
C LEU A 93 -7.24 11.96 -26.59
N ARG A 94 -7.06 11.46 -27.81
CA ARG A 94 -6.32 12.14 -28.87
C ARG A 94 -6.87 13.56 -29.13
N ALA A 95 -8.19 13.67 -29.22
CA ALA A 95 -8.91 14.93 -29.41
C ALA A 95 -8.75 15.86 -28.19
N GLU A 96 -8.69 15.31 -26.97
CA GLU A 96 -8.44 16.21 -25.84
C GLU A 96 -6.99 16.53 -25.68
N GLY A 97 -6.15 16.04 -26.59
CA GLY A 97 -4.71 16.22 -26.48
C GLY A 97 -4.05 15.51 -25.28
N VAL A 98 -4.51 14.32 -24.92
CA VAL A 98 -3.84 13.50 -23.85
C VAL A 98 -2.61 12.84 -24.47
N GLU A 99 -1.47 12.97 -23.81
CA GLU A 99 -0.22 12.44 -24.36
C GLU A 99 0.08 11.00 -23.97
N ILE A 100 -0.57 10.50 -22.90
CA ILE A 100 -0.39 9.09 -22.40
C ILE A 100 -1.69 8.34 -22.02
N ALA A 101 -1.90 7.19 -22.67
CA ALA A 101 -2.91 6.21 -22.24
C ALA A 101 -2.16 4.99 -21.62
N PHE A 102 -2.51 4.62 -20.38
CA PHE A 102 -1.92 3.44 -19.77
C PHE A 102 -3.01 2.33 -19.80
N THR A 103 -2.80 1.29 -20.62
CA THR A 103 -3.78 0.22 -20.85
C THR A 103 -3.12 -1.15 -20.52
N PRO A 104 -2.84 -1.43 -19.21
CA PRO A 104 -2.16 -2.72 -18.93
C PRO A 104 -3.06 -3.99 -19.10
N THR A 105 -2.44 -5.16 -19.29
CA THR A 105 -3.14 -6.42 -19.26
C THR A 105 -3.36 -6.82 -17.79
N THR A 106 -4.34 -7.68 -17.54
CA THR A 106 -4.54 -8.32 -16.25
C THR A 106 -3.31 -9.10 -15.78
N ALA A 107 -2.62 -9.74 -16.72
CA ALA A 107 -1.40 -10.50 -16.39
C ALA A 107 -0.32 -9.60 -15.90
N ALA A 108 -0.20 -8.40 -16.52
CA ALA A 108 0.85 -7.46 -16.14
C ALA A 108 0.59 -6.80 -14.76
N MET A 109 -0.68 -6.59 -14.41
CA MET A 109 -1.11 -6.02 -13.14
C MET A 109 -1.07 -7.07 -12.06
N TYR A 110 -1.43 -8.31 -12.42
CA TYR A 110 -1.58 -9.38 -11.43
C TYR A 110 -0.83 -10.71 -11.76
N PRO A 111 0.48 -10.64 -12.04
CA PRO A 111 1.30 -11.81 -12.41
C PRO A 111 1.24 -12.90 -11.31
N ASP A 112 1.03 -12.50 -10.07
CA ASP A 112 1.05 -13.49 -9.01
C ASP A 112 -0.36 -13.77 -8.51
N GLY A 113 -1.37 -13.31 -9.24
CA GLY A 113 -2.73 -13.31 -8.73
C GLY A 113 -2.90 -12.39 -7.52
N LEU A 114 -3.95 -12.66 -6.75
CA LEU A 114 -4.23 -11.90 -5.57
C LEU A 114 -3.35 -12.36 -4.44
N ARG A 115 -2.54 -11.44 -3.91
CA ARG A 115 -1.60 -11.80 -2.84
C ARG A 115 -1.60 -10.72 -1.76
N THR A 116 -0.64 -9.79 -1.78
CA THR A 116 -0.68 -8.65 -0.86
C THR A 116 -1.87 -7.74 -1.30
N THR A 117 -2.76 -7.38 -0.34
CA THR A 117 -3.90 -6.50 -0.69
C THR A 117 -4.07 -5.34 0.28
N VAL A 118 -4.83 -4.35 -0.15
CA VAL A 118 -5.22 -3.28 0.77
C VAL A 118 -6.47 -3.68 1.52
N GLN A 119 -6.43 -3.51 2.82
CA GLN A 119 -7.57 -3.76 3.62
C GLN A 119 -8.09 -2.39 4.08
N PRO A 120 -9.22 -1.91 3.53
CA PRO A 120 -9.74 -0.54 3.82
C PRO A 120 -10.14 -0.40 5.30
N GLY A 121 -10.27 0.81 5.85
CA GLY A 121 -10.96 0.94 7.18
C GLY A 121 -12.45 0.53 7.12
N PRO A 122 -13.16 0.60 8.29
CA PRO A 122 -14.54 0.18 8.43
C PRO A 122 -15.51 0.94 7.53
N LEU A 123 -15.15 2.15 7.05
CA LEU A 123 -16.03 2.78 6.02
C LEU A 123 -16.34 1.78 4.88
N ALA A 124 -15.42 0.85 4.63
CA ALA A 124 -15.55 0.03 3.41
C ALA A 124 -16.64 -1.02 3.62
N ALA A 125 -17.11 -1.16 4.88
CA ALA A 125 -18.20 -2.12 5.14
C ALA A 125 -19.60 -1.44 5.15
N GLU A 126 -19.66 -0.14 4.91
CA GLU A 126 -20.95 0.62 4.95
C GLU A 126 -21.47 0.84 3.55
N LEU A 127 -22.76 1.18 3.46
CA LEU A 127 -23.31 1.66 2.21
C LEU A 127 -23.03 0.70 1.06
N GLU A 128 -22.24 1.12 0.07
CA GLU A 128 -22.02 0.24 -1.06
C GLU A 128 -21.27 -1.03 -0.61
N GLY A 129 -20.54 -0.92 0.50
CA GLY A 129 -19.68 -2.04 0.91
C GLY A 129 -20.42 -3.11 1.72
N GLY A 130 -21.60 -2.76 2.24
CA GLY A 130 -22.41 -3.64 3.13
C GLY A 130 -22.70 -5.06 2.56
N PRO A 131 -23.25 -5.13 1.33
CA PRO A 131 -23.50 -6.38 0.59
C PRO A 131 -22.34 -6.85 -0.30
N ARG A 132 -21.26 -6.08 -0.37
CA ARG A 132 -20.16 -6.41 -1.27
C ARG A 132 -18.91 -6.25 -0.46
N PRO A 133 -18.64 -7.22 0.41
CA PRO A 133 -17.64 -7.00 1.52
C PRO A 133 -16.14 -6.84 1.08
N THR A 134 -15.78 -7.30 -0.10
CA THR A 134 -14.40 -7.11 -0.57
C THR A 134 -14.29 -6.09 -1.72
N HIS A 135 -15.42 -5.51 -2.11
CA HIS A 135 -15.42 -4.58 -3.21
C HIS A 135 -14.39 -3.42 -3.07
N PHE A 136 -14.39 -2.74 -1.92
CA PHE A 136 -13.46 -1.62 -1.78
C PHE A 136 -11.95 -1.99 -1.63
N ALA A 137 -11.74 -3.17 -1.04
CA ALA A 137 -10.39 -3.76 -0.96
C ALA A 137 -9.81 -3.87 -2.37
N GLY A 138 -10.59 -4.43 -3.27
CA GLY A 138 -10.20 -4.53 -4.70
C GLY A 138 -9.95 -3.18 -5.38
N VAL A 139 -10.83 -2.19 -5.16
CA VAL A 139 -10.64 -0.79 -5.67
C VAL A 139 -9.34 -0.13 -5.09
N LEU A 140 -9.14 -0.20 -3.78
CA LEU A 140 -8.01 0.46 -3.16
C LEU A 140 -6.68 -0.19 -3.58
N THR A 141 -6.71 -1.51 -3.82
CA THR A 141 -5.51 -2.27 -4.24
C THR A 141 -5.14 -1.87 -5.64
N VAL A 142 -6.13 -1.78 -6.53
CA VAL A 142 -5.73 -1.39 -7.91
C VAL A 142 -5.31 0.07 -7.99
N VAL A 143 -5.99 0.93 -7.23
CA VAL A 143 -5.64 2.37 -7.24
C VAL A 143 -4.24 2.57 -6.68
N LEU A 144 -3.95 1.95 -5.54
CA LEU A 144 -2.57 2.01 -4.99
C LEU A 144 -1.58 1.57 -6.07
N LYS A 145 -1.89 0.49 -6.80
CA LYS A 145 -0.91 -0.02 -7.79
C LYS A 145 -0.75 0.98 -8.90
N LEU A 146 -1.87 1.57 -9.39
CA LEU A 146 -1.78 2.60 -10.44
C LEU A 146 -0.97 3.80 -9.93
N LEU A 147 -1.20 4.21 -8.68
CA LEU A 147 -0.44 5.31 -8.10
C LEU A 147 1.08 5.05 -8.03
N GLN A 148 1.46 3.82 -7.67
CA GLN A 148 2.87 3.47 -7.62
C GLN A 148 3.47 3.29 -9.00
N ILE A 149 2.69 2.87 -9.99
CA ILE A 149 3.26 2.66 -11.32
C ILE A 149 3.53 4.03 -11.90
N VAL A 150 2.49 4.85 -11.85
CA VAL A 150 2.55 6.16 -12.50
C VAL A 150 3.23 7.25 -11.65
N ARG A 151 3.21 7.13 -10.31
CA ARG A 151 3.62 8.24 -9.39
C ARG A 151 3.22 9.60 -9.86
N PRO A 152 1.92 9.86 -9.98
CA PRO A 152 1.55 11.24 -10.30
C PRO A 152 1.68 12.18 -9.09
N ASP A 153 1.77 13.46 -9.41
CA ASP A 153 1.56 14.59 -8.51
C ASP A 153 0.12 14.75 -8.07
N ARG A 154 -0.81 14.55 -8.98
CA ARG A 154 -2.24 14.68 -8.63
C ARG A 154 -2.98 13.60 -9.39
N VAL A 155 -4.04 13.10 -8.78
CA VAL A 155 -4.87 12.07 -9.38
C VAL A 155 -6.32 12.62 -9.36
N PHE A 156 -7.12 12.29 -10.37
CA PHE A 156 -8.46 12.94 -10.46
C PHE A 156 -9.64 11.96 -10.40
N PHE A 157 -10.67 12.27 -9.61
CA PHE A 157 -11.86 11.46 -9.56
C PHE A 157 -13.09 12.37 -9.63
N GLY A 158 -14.16 11.84 -10.24
CA GLY A 158 -15.49 12.45 -10.15
C GLY A 158 -16.07 12.24 -8.76
N GLU A 159 -16.96 13.13 -8.32
CA GLU A 159 -17.54 13.01 -6.97
C GLU A 159 -18.72 12.09 -6.91
N LYS A 160 -19.15 11.62 -8.08
CA LYS A 160 -20.36 10.80 -8.09
C LYS A 160 -20.17 9.55 -7.19
N ASP A 161 -19.03 8.86 -7.32
CA ASP A 161 -18.77 7.73 -6.46
C ASP A 161 -18.08 8.24 -5.24
N TYR A 162 -18.90 8.79 -4.35
CA TYR A 162 -18.34 9.64 -3.34
C TYR A 162 -17.64 8.85 -2.22
N GLN A 163 -18.25 7.74 -1.82
CA GLN A 163 -17.72 6.82 -0.79
C GLN A 163 -16.34 6.33 -1.27
N GLN A 164 -16.27 5.89 -2.51
CA GLN A 164 -15.01 5.47 -3.13
C GLN A 164 -13.96 6.55 -3.08
N LEU A 165 -14.35 7.80 -3.40
CA LEU A 165 -13.43 8.92 -3.31
C LEU A 165 -12.97 9.14 -1.84
N VAL A 166 -13.87 9.08 -0.90
CA VAL A 166 -13.43 9.23 0.50
C VAL A 166 -12.42 8.09 0.95
N LEU A 167 -12.64 6.86 0.47
CA LEU A 167 -11.81 5.72 0.79
C LEU A 167 -10.42 5.93 0.21
N ILE A 168 -10.37 6.52 -0.98
CA ILE A 168 -9.13 6.89 -1.62
C ILE A 168 -8.33 7.94 -0.87
N ARG A 169 -8.99 9.02 -0.45
CA ARG A 169 -8.36 9.95 0.48
C ARG A 169 -7.82 9.24 1.70
N GLN A 170 -8.57 8.27 2.24
CA GLN A 170 -8.09 7.52 3.40
C GLN A 170 -6.77 6.77 3.06
N LEU A 171 -6.75 6.12 1.91
CA LEU A 171 -5.67 5.32 1.43
C LEU A 171 -4.43 6.22 1.31
N VAL A 172 -4.61 7.38 0.71
CA VAL A 172 -3.54 8.31 0.47
C VAL A 172 -3.00 8.83 1.81
N ALA A 173 -3.89 9.24 2.74
CA ALA A 173 -3.43 9.70 4.06
C ALA A 173 -2.74 8.54 4.78
N ASP A 174 -3.43 7.41 4.86
CA ASP A 174 -3.03 6.33 5.78
C ASP A 174 -1.72 5.68 5.37
N PHE A 175 -1.45 5.65 4.03
CA PHE A 175 -0.16 5.16 3.51
C PHE A 175 0.92 6.25 3.16
N ASN A 176 0.66 7.51 3.55
CA ASN A 176 1.65 8.59 3.40
C ASN A 176 2.00 8.77 1.93
N LEU A 177 0.98 8.64 1.07
CA LEU A 177 1.26 8.69 -0.36
C LEU A 177 1.43 10.14 -0.75
N ASP A 178 2.43 10.38 -1.57
CA ASP A 178 2.80 11.72 -1.94
C ASP A 178 2.07 12.11 -3.24
N VAL A 179 0.75 12.26 -3.18
CA VAL A 179 -0.06 12.63 -4.35
C VAL A 179 -1.22 13.42 -3.83
N ALA A 180 -1.61 14.44 -4.57
CA ALA A 180 -2.80 15.21 -4.20
C ALA A 180 -4.06 14.60 -4.87
N VAL A 181 -5.07 14.33 -4.07
CA VAL A 181 -6.27 13.83 -4.61
C VAL A 181 -7.28 14.99 -5.00
N VAL A 182 -7.71 15.05 -6.28
CA VAL A 182 -8.63 16.11 -6.76
C VAL A 182 -10.02 15.54 -7.07
N GLY A 183 -11.02 15.91 -6.27
CA GLY A 183 -12.42 15.52 -6.59
C GLY A 183 -13.03 16.59 -7.50
N VAL A 184 -13.67 16.17 -8.58
CA VAL A 184 -14.29 17.07 -9.54
C VAL A 184 -15.80 16.91 -9.57
N PRO A 185 -16.57 18.03 -9.50
CA PRO A 185 -18.03 17.89 -9.47
C PRO A 185 -18.57 17.06 -10.62
N THR A 186 -19.59 16.26 -10.28
CA THR A 186 -20.23 15.33 -11.21
C THR A 186 -20.87 16.07 -12.38
N VAL A 187 -20.38 15.80 -13.58
CA VAL A 187 -21.00 16.23 -14.80
C VAL A 187 -22.39 15.54 -14.91
N ARG A 188 -23.43 16.28 -15.33
CA ARG A 188 -24.81 15.74 -15.45
C ARG A 188 -25.39 15.86 -16.87
N GLU A 189 -26.33 14.98 -17.20
CA GLU A 189 -27.18 15.15 -18.39
C GLU A 189 -28.07 16.36 -18.11
N ALA A 190 -28.79 16.80 -19.15
CA ALA A 190 -29.41 18.13 -19.11
C ALA A 190 -30.53 18.19 -18.06
N ASP A 191 -31.13 17.05 -17.76
CA ASP A 191 -32.20 16.98 -16.79
C ASP A 191 -31.67 16.82 -15.30
N GLY A 192 -30.34 16.67 -15.10
CA GLY A 192 -29.77 16.45 -13.76
C GLY A 192 -29.16 15.03 -13.49
N LEU A 193 -29.43 14.07 -14.38
CA LEU A 193 -28.96 12.70 -14.24
C LEU A 193 -27.44 12.64 -14.18
N ALA A 194 -26.89 12.13 -13.08
CA ALA A 194 -25.43 12.00 -12.93
C ALA A 194 -24.91 11.18 -14.11
N MET A 195 -23.84 11.64 -14.74
CA MET A 195 -23.21 10.85 -15.82
C MET A 195 -22.76 9.51 -15.30
N SER A 196 -22.94 8.50 -16.14
CA SER A 196 -22.48 7.16 -15.80
C SER A 196 -22.51 6.30 -17.03
N SER A 197 -21.49 5.45 -17.10
N SER A 197 -21.54 5.42 -17.21
CA SER A 197 -21.37 4.38 -18.07
CA SER A 197 -21.67 4.56 -18.37
C SER A 197 -22.64 3.55 -18.07
C SER A 197 -22.64 3.41 -18.09
N ARG A 198 -23.15 3.29 -16.86
CA ARG A 198 -24.27 2.39 -16.67
C ARG A 198 -25.67 2.95 -17.03
N ASN A 199 -25.74 4.20 -17.49
CA ASN A 199 -27.01 4.85 -17.83
C ASN A 199 -27.52 4.24 -19.13
N ARG A 200 -26.58 3.66 -19.90
CA ARG A 200 -26.93 3.06 -21.20
C ARG A 200 -27.87 1.88 -20.99
N TYR A 201 -27.87 1.32 -19.78
CA TYR A 201 -28.66 0.13 -19.46
C TYR A 201 -30.05 0.45 -18.98
N LEU A 202 -30.57 1.64 -19.30
CA LEU A 202 -31.93 2.04 -18.87
C LEU A 202 -32.80 2.11 -20.10
N ASP A 203 -33.93 1.44 -20.11
CA ASP A 203 -34.87 1.59 -21.23
C ASP A 203 -35.45 2.99 -21.12
N PRO A 204 -36.23 3.44 -22.14
CA PRO A 204 -36.79 4.81 -22.12
C PRO A 204 -37.63 5.15 -20.90
N ALA A 205 -38.34 4.19 -20.33
CA ALA A 205 -39.16 4.55 -19.17
C ALA A 205 -38.24 4.68 -17.95
N GLN A 206 -37.29 3.75 -17.79
CA GLN A 206 -36.31 3.84 -16.73
C GLN A 206 -35.50 5.15 -16.85
N ARG A 207 -35.13 5.59 -18.05
CA ARG A 207 -34.35 6.82 -18.20
C ARG A 207 -35.12 8.07 -17.71
N ALA A 208 -36.40 8.11 -18.07
CA ALA A 208 -37.34 9.12 -17.65
C ALA A 208 -37.44 9.15 -16.12
N ALA A 209 -37.65 8.00 -15.52
CA ALA A 209 -37.75 7.92 -14.11
C ALA A 209 -36.45 8.24 -13.36
N ALA A 210 -35.30 8.05 -14.01
CA ALA A 210 -34.03 8.10 -13.29
C ALA A 210 -33.70 9.53 -12.83
N VAL A 211 -34.30 10.52 -13.47
CA VAL A 211 -34.12 11.91 -13.07
C VAL A 211 -34.49 12.11 -11.56
N ALA A 212 -35.21 11.16 -10.97
CA ALA A 212 -35.70 11.34 -9.62
C ALA A 212 -34.60 11.38 -8.59
N LEU A 213 -33.50 10.66 -8.88
CA LEU A 213 -32.40 10.68 -7.92
C LEU A 213 -31.88 12.10 -7.77
N SER A 214 -31.48 12.76 -8.88
CA SER A 214 -30.97 14.09 -8.84
C SER A 214 -32.04 15.11 -8.41
N ALA A 215 -33.32 14.90 -8.82
CA ALA A 215 -34.41 15.78 -8.41
C ALA A 215 -34.59 15.71 -6.88
N ALA A 216 -34.52 14.51 -6.34
CA ALA A 216 -34.71 14.24 -4.88
C ALA A 216 -33.61 14.92 -4.07
N LEU A 217 -32.38 14.79 -4.53
CA LEU A 217 -31.26 15.36 -3.84
C LEU A 217 -31.23 16.90 -3.87
N THR A 218 -31.55 17.51 -5.01
N THR A 218 -31.58 17.45 -5.03
CA THR A 218 -31.67 18.97 -5.02
CA THR A 218 -31.72 18.89 -5.20
C THR A 218 -32.87 19.42 -4.21
C THR A 218 -32.89 19.44 -4.40
N ALA A 219 -33.96 18.68 -4.26
CA ALA A 219 -35.08 19.02 -3.38
C ALA A 219 -34.63 19.05 -1.90
N ALA A 220 -33.89 18.01 -1.49
CA ALA A 220 -33.34 17.94 -0.17
C ALA A 220 -32.41 19.12 0.07
N ALA A 221 -31.49 19.41 -0.84
CA ALA A 221 -30.58 20.51 -0.55
C ALA A 221 -31.31 21.86 -0.27
N HIS A 222 -32.41 22.15 -0.96
CA HIS A 222 -33.18 23.42 -0.66
C HIS A 222 -34.10 23.33 0.53
N ALA A 223 -34.65 22.14 0.74
CA ALA A 223 -35.47 21.85 1.87
C ALA A 223 -34.70 21.97 3.22
N ALA A 224 -33.39 21.89 3.16
CA ALA A 224 -32.59 21.66 4.39
C ALA A 224 -32.56 22.90 5.31
N THR A 225 -32.89 24.08 4.77
CA THR A 225 -33.09 25.27 5.62
C THR A 225 -34.05 24.87 6.75
N ALA A 226 -34.94 23.92 6.48
CA ALA A 226 -35.91 23.53 7.51
C ALA A 226 -35.37 22.37 8.43
N GLY A 227 -34.09 22.02 8.25
CA GLY A 227 -33.42 21.00 9.06
C GLY A 227 -33.27 19.66 8.30
N ALA A 228 -32.58 18.73 8.96
CA ALA A 228 -32.19 17.47 8.34
C ALA A 228 -33.38 16.55 8.09
N GLN A 229 -34.34 16.50 8.99
CA GLN A 229 -35.49 15.60 8.74
C GLN A 229 -36.34 16.05 7.52
N ALA A 230 -36.47 17.35 7.38
CA ALA A 230 -37.22 17.90 6.31
C ALA A 230 -36.48 17.64 4.99
N ALA A 231 -35.14 17.74 5.00
CA ALA A 231 -34.36 17.48 3.80
C ALA A 231 -34.55 16.02 3.35
N LEU A 232 -34.39 15.09 4.30
CA LEU A 232 -34.56 13.66 4.03
C LEU A 232 -35.95 13.30 3.51
N ASP A 233 -37.00 13.85 4.16
CA ASP A 233 -38.39 13.58 3.79
C ASP A 233 -38.71 14.14 2.40
N ALA A 234 -38.14 15.27 2.04
CA ALA A 234 -38.36 15.83 0.69
C ALA A 234 -37.82 14.84 -0.39
N ALA A 235 -36.53 14.49 -0.28
CA ALA A 235 -35.86 13.49 -1.13
C ALA A 235 -36.66 12.16 -1.21
N ARG A 236 -37.12 11.71 -0.06
CA ARG A 236 -37.85 10.47 0.02
C ARG A 236 -39.18 10.58 -0.72
N ALA A 237 -39.82 11.75 -0.71
CA ALA A 237 -41.12 11.85 -1.36
C ALA A 237 -40.96 11.85 -2.87
N VAL A 238 -39.93 12.53 -3.34
CA VAL A 238 -39.62 12.53 -4.73
C VAL A 238 -39.29 11.08 -5.21
N LEU A 239 -38.46 10.39 -4.45
CA LEU A 239 -38.13 8.99 -4.84
C LEU A 239 -39.38 8.09 -4.88
N ASP A 240 -40.24 8.22 -3.86
CA ASP A 240 -41.49 7.48 -3.79
C ASP A 240 -42.51 7.87 -4.88
N ALA A 241 -42.41 9.07 -5.46
CA ALA A 241 -43.34 9.50 -6.50
C ALA A 241 -42.91 8.94 -7.85
N ALA A 242 -41.74 8.31 -7.89
CA ALA A 242 -41.20 7.91 -9.20
C ALA A 242 -41.48 6.43 -9.44
N PRO A 243 -42.01 6.10 -10.62
CA PRO A 243 -42.38 4.73 -10.97
C PRO A 243 -41.15 3.81 -11.19
N GLY A 244 -41.18 2.66 -10.55
CA GLY A 244 -40.15 1.65 -10.75
C GLY A 244 -38.78 2.05 -10.25
N VAL A 245 -38.74 2.94 -9.26
CA VAL A 245 -37.50 3.27 -8.62
C VAL A 245 -37.53 2.59 -7.26
N ALA A 246 -36.63 1.63 -7.05
CA ALA A 246 -36.49 0.99 -5.72
C ALA A 246 -35.23 1.48 -5.00
N VAL A 247 -35.44 2.10 -3.85
CA VAL A 247 -34.33 2.70 -3.11
C VAL A 247 -33.55 1.71 -2.24
N ASP A 248 -32.25 1.52 -2.50
CA ASP A 248 -31.43 0.73 -1.55
C ASP A 248 -31.12 1.52 -0.27
N TYR A 249 -30.63 2.76 -0.42
CA TYR A 249 -30.42 3.65 0.72
C TYR A 249 -30.50 5.13 0.29
N LEU A 250 -30.69 5.96 1.30
CA LEU A 250 -30.77 7.39 1.13
C LEU A 250 -30.26 7.87 2.47
N GLU A 251 -29.03 8.36 2.55
CA GLU A 251 -28.42 8.65 3.86
C GLU A 251 -27.71 9.94 3.84
N LEU A 252 -27.80 10.59 4.97
CA LEU A 252 -27.22 11.87 5.13
C LEU A 252 -26.03 11.68 6.08
N ARG A 253 -24.84 12.14 5.72
CA ARG A 253 -23.70 11.92 6.60
C ARG A 253 -22.79 13.12 6.69
N ASP A 254 -21.89 13.11 7.68
CA ASP A 254 -20.69 13.97 7.67
C ASP A 254 -19.97 13.94 6.27
N ILE A 255 -19.19 14.93 5.87
CA ILE A 255 -18.62 14.82 4.53
C ILE A 255 -17.53 13.74 4.39
N GLY A 256 -16.95 13.32 5.53
CA GLY A 256 -15.99 12.21 5.59
C GLY A 256 -16.73 10.87 5.69
N LEU A 257 -18.06 10.93 5.81
CA LEU A 257 -18.97 9.77 5.86
C LEU A 257 -18.97 8.98 7.18
N GLY A 258 -18.50 9.62 8.27
CA GLY A 258 -18.52 9.01 9.64
C GLY A 258 -17.14 8.42 10.02
N PRO A 259 -16.91 8.10 11.33
CA PRO A 259 -17.80 8.10 12.51
C PRO A 259 -17.92 9.46 13.25
N MET A 260 -18.32 10.52 12.54
CA MET A 260 -18.74 11.78 13.17
C MET A 260 -20.27 11.91 12.98
N PRO A 261 -20.95 12.53 13.97
CA PRO A 261 -22.33 12.97 13.69
C PRO A 261 -22.27 14.09 12.65
N LEU A 262 -23.27 14.17 11.79
CA LEU A 262 -23.40 15.33 10.90
C LEU A 262 -23.53 16.64 11.75
N ASN A 263 -22.92 17.73 11.26
CA ASN A 263 -23.11 19.05 11.92
C ASN A 263 -24.14 19.96 11.14
N GLY A 264 -23.65 21.03 10.51
CA GLY A 264 -24.49 21.82 9.59
C GLY A 264 -24.21 21.52 8.14
N SER A 265 -23.08 20.89 7.86
CA SER A 265 -22.74 20.53 6.49
C SER A 265 -22.48 19.02 6.38
N GLY A 266 -22.87 18.46 5.25
CA GLY A 266 -22.88 17.03 5.08
C GLY A 266 -22.97 16.66 3.61
N ARG A 267 -23.24 15.39 3.37
CA ARG A 267 -23.35 14.88 2.04
C ARG A 267 -24.52 13.99 2.15
N LEU A 268 -25.47 14.16 1.22
CA LEU A 268 -26.60 13.26 1.04
C LEU A 268 -26.35 12.26 -0.11
N LEU A 269 -26.51 10.97 0.19
CA LEU A 269 -26.11 9.91 -0.71
C LEU A 269 -27.31 9.09 -0.96
N VAL A 270 -27.53 8.72 -2.21
CA VAL A 270 -28.63 7.81 -2.56
C VAL A 270 -28.12 6.72 -3.53
N ALA A 271 -28.71 5.53 -3.43
CA ALA A 271 -28.52 4.43 -4.37
C ALA A 271 -29.87 3.82 -4.62
N ALA A 272 -30.18 3.56 -5.88
CA ALA A 272 -31.49 3.00 -6.22
C ALA A 272 -31.35 2.06 -7.41
N ARG A 273 -32.31 1.15 -7.56
CA ARG A 273 -32.37 0.18 -8.68
C ARG A 273 -33.52 0.54 -9.58
N LEU A 274 -33.24 0.60 -10.87
CA LEU A 274 -34.29 0.67 -11.88
C LEU A 274 -34.17 -0.58 -12.71
N GLY A 275 -35.13 -1.50 -12.55
CA GLY A 275 -34.99 -2.84 -13.13
C GLY A 275 -33.74 -3.47 -12.53
N THR A 276 -32.79 -3.82 -13.38
CA THR A 276 -31.54 -4.40 -12.82
C THR A 276 -30.41 -3.39 -12.59
N THR A 277 -30.58 -2.15 -13.05
CA THR A 277 -29.50 -1.16 -13.03
C THR A 277 -29.48 -0.38 -11.72
N ARG A 278 -28.34 -0.43 -11.02
CA ARG A 278 -28.15 0.35 -9.80
C ARG A 278 -27.54 1.72 -10.14
N LEU A 279 -28.15 2.80 -9.65
CA LEU A 279 -27.65 4.17 -9.90
C LEU A 279 -27.28 4.77 -8.57
N LEU A 280 -26.21 5.57 -8.54
CA LEU A 280 -25.86 6.27 -7.30
C LEU A 280 -25.82 7.75 -7.62
N ASP A 281 -26.06 8.54 -6.58
CA ASP A 281 -25.88 9.95 -6.71
C ASP A 281 -25.66 10.51 -5.32
N ASN A 282 -25.14 11.73 -5.28
CA ASN A 282 -24.93 12.43 -3.99
C ASN A 282 -24.82 13.90 -4.19
N ILE A 283 -24.93 14.63 -3.10
CA ILE A 283 -24.81 16.06 -3.18
C ILE A 283 -24.39 16.57 -1.83
N ALA A 284 -23.69 17.70 -1.85
CA ALA A 284 -23.48 18.56 -0.66
C ALA A 284 -24.79 19.05 -0.06
N ILE A 285 -24.81 19.13 1.26
CA ILE A 285 -26.02 19.59 1.95
C ILE A 285 -25.59 20.48 3.12
N GLU A 286 -26.16 21.69 3.20
CA GLU A 286 -26.00 22.54 4.39
C GLU A 286 -27.30 22.54 5.18
N ILE A 287 -27.24 22.35 6.50
CA ILE A 287 -28.43 22.18 7.36
C ILE A 287 -28.65 23.47 8.12
N GLY A 288 -29.88 23.97 8.16
CA GLY A 288 -30.13 25.40 8.55
C GLY A 288 -29.48 26.37 7.55
N THR A 289 -29.67 26.10 6.25
CA THR A 289 -28.74 26.40 5.09
C THR A 289 -27.73 27.51 5.21
N PHE A 290 -26.48 27.03 5.17
CA PHE A 290 -25.35 27.60 5.84
C PHE A 290 -24.11 26.86 5.32
N MET B 1 7.07 24.80 2.19
CA MET B 1 7.73 25.21 0.90
C MET B 1 9.26 25.21 1.09
N ALA B 2 9.75 25.95 2.10
CA ALA B 2 11.17 25.88 2.53
C ALA B 2 11.54 24.53 3.15
N ILE B 3 12.56 23.90 2.58
CA ILE B 3 13.12 22.60 3.00
C ILE B 3 13.66 22.70 4.42
N PRO B 4 13.34 21.73 5.28
CA PRO B 4 13.85 21.82 6.66
C PRO B 4 15.40 21.76 6.70
N ALA B 5 16.00 22.30 7.77
CA ALA B 5 17.46 22.28 7.93
C ALA B 5 18.12 20.86 7.84
N PHE B 6 19.08 20.72 6.92
CA PHE B 6 19.90 19.52 6.77
C PHE B 6 21.36 19.91 6.66
N HIS B 7 22.22 19.27 7.47
CA HIS B 7 23.69 19.56 7.47
C HIS B 7 24.47 18.32 7.02
N PRO B 8 25.03 18.36 5.77
CA PRO B 8 25.72 17.18 5.27
C PRO B 8 26.86 16.78 6.19
N GLY B 9 27.21 15.50 6.19
CA GLY B 9 28.32 15.01 7.04
C GLY B 9 28.01 14.93 8.53
N GLU B 10 26.79 15.27 8.95
CA GLU B 10 26.46 14.99 10.34
C GLU B 10 25.07 14.40 10.62
N LEU B 11 24.82 14.07 11.90
CA LEU B 11 23.57 13.40 12.25
C LEU B 11 22.38 14.36 12.35
N ASN B 12 21.39 14.20 11.47
CA ASN B 12 20.21 15.08 11.46
C ASN B 12 19.01 14.24 11.89
N VAL B 13 18.43 14.62 13.02
CA VAL B 13 17.33 13.87 13.60
C VAL B 13 16.05 14.63 13.23
N TYR B 14 15.04 13.93 12.69
CA TYR B 14 13.71 14.47 12.44
C TYR B 14 12.72 13.49 12.99
N SER B 15 11.67 14.05 13.56
CA SER B 15 10.62 13.26 14.11
C SER B 15 9.39 13.46 13.30
N ALA B 16 9.36 14.49 12.47
CA ALA B 16 8.11 14.71 11.75
C ALA B 16 8.20 14.06 10.37
N PRO B 17 7.23 13.20 10.03
CA PRO B 17 7.29 12.52 8.77
C PRO B 17 7.49 13.49 7.63
N GLY B 18 6.81 14.65 7.65
CA GLY B 18 6.85 15.60 6.55
C GLY B 18 8.23 16.17 6.39
N ASP B 19 8.89 16.39 7.50
CA ASP B 19 10.25 16.90 7.38
C ASP B 19 11.19 15.88 6.69
N VAL B 20 11.17 14.62 7.13
CA VAL B 20 12.10 13.64 6.54
C VAL B 20 11.76 13.44 5.08
N ALA B 21 10.46 13.40 4.79
CA ALA B 21 10.00 13.31 3.40
C ALA B 21 10.61 14.45 2.56
N ASP B 22 10.60 15.68 3.12
CA ASP B 22 11.11 16.88 2.38
C ASP B 22 12.65 16.82 2.22
N VAL B 23 13.33 16.42 3.29
CA VAL B 23 14.78 16.28 3.21
C VAL B 23 15.17 15.21 2.18
N SER B 24 14.48 14.06 2.22
CA SER B 24 14.83 12.97 1.37
C SER B 24 14.61 13.38 -0.11
N ARG B 25 13.45 13.98 -0.39
CA ARG B 25 13.20 14.50 -1.75
C ARG B 25 14.32 15.48 -2.16
N ALA B 26 14.60 16.45 -1.30
CA ALA B 26 15.66 17.42 -1.61
C ALA B 26 17.00 16.67 -1.87
N LEU B 27 17.25 15.60 -1.11
CA LEU B 27 18.51 14.90 -1.30
C LEU B 27 18.62 14.16 -2.64
N ARG B 28 17.58 13.42 -3.05
CA ARG B 28 17.73 12.68 -4.31
C ARG B 28 17.74 13.62 -5.53
N LEU B 29 17.09 14.77 -5.44
CA LEU B 29 17.15 15.76 -6.52
C LEU B 29 18.57 16.34 -6.69
N THR B 30 19.39 16.35 -5.63
CA THR B 30 20.78 16.78 -5.76
C THR B 30 21.80 15.64 -6.02
N GLY B 31 21.34 14.49 -6.53
CA GLY B 31 22.32 13.41 -6.73
C GLY B 31 22.32 12.20 -5.76
N ARG B 32 22.19 12.44 -4.44
CA ARG B 32 22.37 11.34 -3.46
C ARG B 32 21.40 10.21 -3.69
N ARG B 33 21.83 8.99 -3.40
CA ARG B 33 20.94 7.86 -3.37
C ARG B 33 20.55 7.60 -1.92
N VAL B 34 19.23 7.54 -1.68
CA VAL B 34 18.70 7.43 -0.33
C VAL B 34 18.58 5.96 0.11
N MET B 35 19.23 5.61 1.23
CA MET B 35 19.20 4.25 1.70
C MET B 35 18.40 4.23 3.00
N LEU B 36 17.47 3.31 3.13
CA LEU B 36 16.69 3.21 4.37
C LEU B 36 16.98 1.97 5.22
N VAL B 37 17.31 2.20 6.49
CA VAL B 37 17.50 1.11 7.42
C VAL B 37 16.43 1.16 8.52
N PRO B 38 15.40 0.34 8.38
CA PRO B 38 14.39 0.49 9.46
C PRO B 38 14.76 -0.30 10.73
N THR B 39 14.67 0.32 11.91
CA THR B 39 14.96 -0.37 13.16
C THR B 39 13.85 -0.12 14.21
N MET B 40 13.83 -0.90 15.28
CA MET B 40 13.06 -0.55 16.46
C MET B 40 13.95 0.03 17.55
N GLY B 41 15.10 0.57 17.16
CA GLY B 41 16.07 1.07 18.16
C GLY B 41 16.74 -0.09 18.89
N ALA B 42 17.25 0.19 20.11
CA ALA B 42 18.12 -0.73 20.86
C ALA B 42 19.12 -1.27 19.87
N LEU B 43 19.91 -0.40 19.26
CA LEU B 43 20.76 -0.85 18.17
C LEU B 43 21.83 -1.88 18.60
N HIS B 44 22.13 -2.83 17.72
CA HIS B 44 23.20 -3.78 17.98
C HIS B 44 23.99 -4.00 16.70
N GLU B 45 24.88 -5.00 16.69
CA GLU B 45 25.82 -5.19 15.59
C GLU B 45 25.10 -5.60 14.33
N GLY B 46 23.92 -6.20 14.50
CA GLY B 46 23.11 -6.56 13.34
C GLY B 46 22.72 -5.31 12.58
N HIS B 47 22.33 -4.27 13.29
CA HIS B 47 21.96 -3.00 12.68
C HIS B 47 23.14 -2.27 12.07
N LEU B 48 24.29 -2.39 12.72
CA LEU B 48 25.47 -1.75 12.21
C LEU B 48 25.91 -2.44 10.88
N ALA B 49 25.67 -3.76 10.76
CA ALA B 49 25.88 -4.37 9.44
C ALA B 49 24.91 -3.92 8.33
N LEU B 50 23.65 -3.68 8.66
CA LEU B 50 22.68 -3.09 7.69
C LEU B 50 23.15 -1.68 7.23
N VAL B 51 23.47 -0.85 8.22
CA VAL B 51 24.20 0.41 8.04
C VAL B 51 25.47 0.39 7.21
N ARG B 52 26.39 -0.55 7.47
CA ARG B 52 27.61 -0.58 6.68
C ARG B 52 27.31 -0.96 5.24
N ALA B 53 26.34 -1.84 5.04
CA ALA B 53 25.96 -2.24 3.69
C ALA B 53 25.35 -1.02 2.95
N ALA B 54 24.56 -0.23 3.66
CA ALA B 54 23.97 1.03 3.11
C ALA B 54 25.04 2.09 2.74
N LYS B 55 25.94 2.41 3.68
CA LYS B 55 26.99 3.35 3.41
C LYS B 55 27.86 2.97 2.21
N ARG B 56 28.00 1.70 1.90
CA ARG B 56 28.92 1.39 0.81
C ARG B 56 28.41 1.68 -0.59
N VAL B 57 27.11 1.91 -0.74
CA VAL B 57 26.58 2.42 -2.03
C VAL B 57 27.15 3.84 -2.36
N PRO B 58 27.84 3.98 -3.51
CA PRO B 58 28.38 5.28 -3.89
C PRO B 58 27.31 6.39 -3.91
N GLY B 59 27.59 7.47 -3.20
CA GLY B 59 26.65 8.61 -3.12
C GLY B 59 25.46 8.39 -2.21
N SER B 60 25.55 7.39 -1.34
CA SER B 60 24.45 7.02 -0.48
C SER B 60 24.32 8.12 0.54
N VAL B 61 23.08 8.45 0.92
CA VAL B 61 22.83 9.05 2.24
C VAL B 61 21.99 8.03 3.02
N VAL B 62 22.28 7.89 4.30
CA VAL B 62 21.69 6.80 5.07
C VAL B 62 20.61 7.31 6.03
N VAL B 63 19.38 6.79 5.88
CA VAL B 63 18.30 7.07 6.80
C VAL B 63 18.06 5.82 7.68
N VAL B 64 18.22 5.99 9.01
CA VAL B 64 17.84 4.98 9.94
C VAL B 64 16.56 5.43 10.62
N SER B 65 15.51 4.65 10.51
CA SER B 65 14.33 5.01 11.23
C SER B 65 14.37 4.27 12.57
N ILE B 66 13.77 4.85 13.60
CA ILE B 66 13.72 4.26 14.95
C ILE B 66 12.29 4.44 15.36
N PHE B 67 11.57 3.32 15.36
CA PHE B 67 10.14 3.42 15.60
C PHE B 67 9.66 2.11 16.13
N VAL B 68 9.02 2.18 17.30
CA VAL B 68 8.38 1.01 17.90
C VAL B 68 6.90 1.01 17.61
N ASN B 69 6.50 0.05 16.80
CA ASN B 69 5.14 -0.03 16.27
C ASN B 69 4.33 -0.75 17.33
N PRO B 70 3.25 -0.11 17.85
CA PRO B 70 2.43 -0.84 18.84
C PRO B 70 1.53 -1.96 18.18
N MET B 71 1.38 -1.83 16.86
CA MET B 71 0.59 -2.69 15.98
C MET B 71 1.44 -3.85 15.40
N GLN B 72 2.78 -3.66 15.40
CA GLN B 72 3.80 -4.59 14.85
C GLN B 72 3.46 -6.05 15.01
N THR B 85 19.61 2.96 25.91
CA THR B 85 20.01 3.02 24.50
C THR B 85 19.12 3.94 23.56
N PRO B 86 19.02 5.28 23.87
CA PRO B 86 18.35 6.28 23.00
C PRO B 86 19.28 7.39 22.45
N ASP B 87 19.66 8.37 23.28
CA ASP B 87 20.78 9.29 22.99
C ASP B 87 22.02 8.43 22.72
N ASP B 88 21.97 7.21 23.26
CA ASP B 88 22.91 6.14 22.97
C ASP B 88 22.81 5.61 21.51
N ASP B 89 21.62 5.15 21.09
CA ASP B 89 21.42 4.77 19.68
C ASP B 89 21.93 5.90 18.77
N LEU B 90 21.53 7.13 19.06
CA LEU B 90 21.92 8.28 18.25
C LEU B 90 23.45 8.45 18.21
N ALA B 91 24.10 8.31 19.36
CA ALA B 91 25.57 8.20 19.40
C ALA B 91 26.15 7.08 18.53
N GLN B 92 25.49 5.94 18.53
CA GLN B 92 26.02 4.86 17.70
C GLN B 92 25.93 5.26 16.22
N LEU B 93 24.81 5.88 15.84
CA LEU B 93 24.60 6.30 14.44
C LEU B 93 25.62 7.34 13.99
N ARG B 94 25.88 8.35 14.85
CA ARG B 94 26.97 9.35 14.69
C ARG B 94 28.33 8.69 14.48
N ALA B 95 28.70 7.77 15.37
CA ALA B 95 29.95 7.02 15.20
C ALA B 95 30.01 6.22 13.89
N GLU B 96 28.86 5.92 13.26
CA GLU B 96 28.86 5.23 11.97
C GLU B 96 28.78 6.15 10.75
N GLY B 97 28.72 7.45 10.97
CA GLY B 97 28.57 8.42 9.87
C GLY B 97 27.19 8.45 9.22
N VAL B 98 26.14 8.13 9.98
CA VAL B 98 24.78 8.10 9.42
C VAL B 98 24.26 9.52 9.40
N GLU B 99 23.71 9.97 8.28
CA GLU B 99 23.35 11.37 8.26
C GLU B 99 21.91 11.66 8.70
N ILE B 100 21.03 10.67 8.67
CA ILE B 100 19.66 10.91 9.02
C ILE B 100 19.07 9.81 9.91
N ALA B 101 18.57 10.20 11.08
CA ALA B 101 17.75 9.35 11.95
C ALA B 101 16.33 9.87 11.87
N PHE B 102 15.36 9.00 11.68
CA PHE B 102 13.93 9.37 11.63
C PHE B 102 13.25 8.75 12.85
N THR B 103 12.80 9.60 13.77
CA THR B 103 12.39 9.13 15.08
C THR B 103 10.97 9.62 15.38
N PRO B 104 9.94 9.12 14.65
CA PRO B 104 8.58 9.69 14.77
C PRO B 104 7.84 9.16 15.99
N THR B 105 6.82 9.88 16.44
CA THR B 105 6.01 9.38 17.55
C THR B 105 4.93 8.47 16.97
N THR B 106 4.27 7.72 17.85
CA THR B 106 3.14 6.94 17.45
C THR B 106 2.05 7.81 16.82
N ALA B 107 1.76 8.98 17.44
CA ALA B 107 0.75 9.91 16.91
C ALA B 107 1.06 10.42 15.46
N ALA B 108 2.32 10.77 15.21
CA ALA B 108 2.80 11.18 13.90
C ALA B 108 2.60 10.12 12.81
N MET B 109 2.85 8.86 13.17
CA MET B 109 2.72 7.76 12.25
C MET B 109 1.24 7.37 12.04
N TYR B 110 0.47 7.41 13.12
CA TYR B 110 -0.92 7.08 13.07
C TYR B 110 -1.89 8.22 13.49
N PRO B 111 -1.85 9.36 12.77
CA PRO B 111 -2.64 10.52 13.24
C PRO B 111 -4.13 10.26 13.20
N ASP B 112 -4.56 9.33 12.35
CA ASP B 112 -5.97 9.02 12.22
C ASP B 112 -6.23 7.68 12.87
N GLY B 113 -5.33 7.24 13.74
CA GLY B 113 -5.41 5.91 14.31
C GLY B 113 -5.26 4.80 13.25
N LEU B 114 -5.72 3.60 13.59
CA LEU B 114 -5.58 2.50 12.65
C LEU B 114 -6.74 2.49 11.68
N ARG B 115 -6.44 2.45 10.39
CA ARG B 115 -7.53 2.59 9.47
C ARG B 115 -7.28 1.75 8.24
N THR B 116 -6.70 2.31 7.17
CA THR B 116 -6.33 1.49 6.05
C THR B 116 -5.07 0.69 6.43
N THR B 117 -5.05 -0.62 6.18
CA THR B 117 -3.85 -1.42 6.49
C THR B 117 -3.51 -2.32 5.29
N VAL B 118 -2.32 -2.94 5.36
CA VAL B 118 -1.90 -3.91 4.40
C VAL B 118 -2.35 -5.29 4.87
N GLN B 119 -2.98 -6.01 3.97
CA GLN B 119 -3.28 -7.37 4.24
C GLN B 119 -2.32 -8.26 3.48
N PRO B 120 -1.51 -9.02 4.20
CA PRO B 120 -0.51 -9.92 3.52
C PRO B 120 -1.13 -11.07 2.76
N GLY B 121 -0.42 -11.57 1.75
CA GLY B 121 -0.84 -12.85 1.14
C GLY B 121 -0.84 -14.00 2.16
N PRO B 122 -1.29 -15.19 1.75
CA PRO B 122 -1.42 -16.46 2.55
C PRO B 122 -0.12 -16.91 3.29
N LEU B 123 1.08 -16.64 2.73
CA LEU B 123 2.31 -16.86 3.51
C LEU B 123 2.27 -16.32 4.96
N ALA B 124 1.61 -15.18 5.21
CA ALA B 124 1.53 -14.65 6.56
C ALA B 124 0.82 -15.55 7.60
N ALA B 125 0.03 -16.49 7.13
CA ALA B 125 -0.68 -17.40 7.98
C ALA B 125 0.16 -18.64 8.33
N GLU B 126 1.30 -18.84 7.66
CA GLU B 126 2.19 -20.01 7.88
C GLU B 126 3.29 -19.69 8.87
N LEU B 127 3.95 -20.74 9.39
CA LEU B 127 5.21 -20.55 10.10
C LEU B 127 5.04 -19.61 11.30
N GLU B 128 5.63 -18.41 11.27
CA GLU B 128 5.48 -17.51 12.42
C GLU B 128 4.07 -16.98 12.53
N GLY B 129 3.32 -17.14 11.44
CA GLY B 129 2.00 -16.55 11.39
C GLY B 129 1.07 -17.46 12.13
N GLY B 130 1.58 -18.64 12.49
CA GLY B 130 0.85 -19.63 13.29
C GLY B 130 0.65 -19.16 14.74
N PRO B 131 1.78 -18.95 15.50
CA PRO B 131 1.74 -18.25 16.80
C PRO B 131 1.14 -16.82 16.75
N ARG B 132 1.59 -15.98 15.80
CA ARG B 132 1.24 -14.53 15.73
C ARG B 132 0.49 -14.23 14.40
N PRO B 133 -0.86 -14.46 14.36
CA PRO B 133 -1.63 -14.41 13.08
C PRO B 133 -1.85 -13.03 12.37
N THR B 134 -1.60 -11.93 13.07
CA THR B 134 -1.76 -10.63 12.44
C THR B 134 -0.49 -9.84 12.58
N HIS B 135 0.60 -10.52 13.00
CA HIS B 135 1.87 -9.84 13.22
C HIS B 135 2.39 -9.20 11.92
N PHE B 136 2.32 -9.94 10.82
CA PHE B 136 2.90 -9.44 9.62
C PHE B 136 2.05 -8.29 9.00
N ALA B 137 0.72 -8.33 9.20
CA ALA B 137 -0.12 -7.25 8.71
C ALA B 137 0.43 -5.96 9.25
N GLY B 138 0.73 -5.93 10.55
CA GLY B 138 1.29 -4.77 11.25
C GLY B 138 2.67 -4.38 10.72
N VAL B 139 3.55 -5.35 10.57
CA VAL B 139 4.87 -5.09 9.96
C VAL B 139 4.74 -4.56 8.52
N LEU B 140 4.00 -5.23 7.64
CA LEU B 140 3.87 -4.73 6.25
C LEU B 140 3.26 -3.32 6.17
N THR B 141 2.34 -2.98 7.07
CA THR B 141 1.72 -1.65 7.05
C THR B 141 2.74 -0.60 7.42
N VAL B 142 3.47 -0.81 8.50
CA VAL B 142 4.48 0.17 8.89
C VAL B 142 5.64 0.27 7.87
N VAL B 143 6.10 -0.86 7.35
CA VAL B 143 7.08 -0.80 6.28
C VAL B 143 6.59 -0.05 5.01
N LEU B 144 5.36 -0.30 4.61
CA LEU B 144 4.83 0.48 3.46
C LEU B 144 4.89 1.96 3.79
N LYS B 145 4.44 2.31 4.99
CA LYS B 145 4.42 3.74 5.37
C LYS B 145 5.83 4.34 5.39
N LEU B 146 6.79 3.59 5.95
CA LEU B 146 8.13 4.13 6.01
C LEU B 146 8.64 4.30 4.63
N LEU B 147 8.33 3.34 3.77
CA LEU B 147 8.83 3.43 2.40
C LEU B 147 8.25 4.66 1.68
N GLN B 148 6.98 4.97 1.96
CA GLN B 148 6.33 6.08 1.25
C GLN B 148 6.83 7.41 1.80
N ILE B 149 7.15 7.47 3.11
CA ILE B 149 7.65 8.71 3.70
C ILE B 149 9.07 8.99 3.21
N VAL B 150 9.90 7.97 3.21
CA VAL B 150 11.32 8.23 2.94
C VAL B 150 11.59 8.12 1.45
N ARG B 151 10.80 7.30 0.76
N ARG B 151 10.85 7.29 0.77
CA ARG B 151 11.06 7.03 -0.65
CA ARG B 151 11.09 7.03 -0.60
C ARG B 151 12.54 6.68 -0.92
C ARG B 151 12.53 6.65 -0.91
N PRO B 152 13.03 5.58 -0.33
CA PRO B 152 14.43 5.31 -0.55
C PRO B 152 14.62 4.62 -1.91
N ASP B 153 15.84 4.65 -2.45
CA ASP B 153 16.20 3.77 -3.57
C ASP B 153 16.39 2.32 -3.12
N ARG B 154 16.94 2.10 -1.92
CA ARG B 154 17.18 0.74 -1.40
C ARG B 154 16.78 0.68 0.04
N VAL B 155 16.24 -0.48 0.42
CA VAL B 155 15.89 -0.68 1.81
C VAL B 155 16.54 -1.95 2.34
N PHE B 156 17.09 -1.91 3.56
CA PHE B 156 17.99 -2.97 4.05
C PHE B 156 17.36 -3.71 5.25
N PHE B 157 17.28 -5.03 5.17
CA PHE B 157 16.81 -5.87 6.27
C PHE B 157 17.82 -7.02 6.54
N GLY B 158 17.96 -7.46 7.79
CA GLY B 158 18.64 -8.74 8.07
C GLY B 158 17.88 -9.96 7.54
N GLU B 159 18.61 -11.03 7.24
CA GLU B 159 17.99 -12.27 6.80
C GLU B 159 17.50 -13.07 7.99
N LYS B 160 17.78 -12.64 9.21
CA LYS B 160 17.29 -13.42 10.39
C LYS B 160 15.82 -13.75 10.39
N ASP B 161 14.98 -12.75 10.34
CA ASP B 161 13.57 -13.01 10.15
C ASP B 161 13.28 -13.19 8.68
N TYR B 162 13.46 -14.40 8.20
CA TYR B 162 13.43 -14.64 6.76
C TYR B 162 12.01 -14.55 6.17
N GLN B 163 11.03 -15.11 6.87
CA GLN B 163 9.66 -15.00 6.41
C GLN B 163 9.17 -13.51 6.26
N GLN B 164 9.58 -12.69 7.22
CA GLN B 164 9.29 -11.29 7.21
C GLN B 164 9.91 -10.69 5.97
N LEU B 165 11.14 -11.05 5.67
CA LEU B 165 11.81 -10.48 4.49
C LEU B 165 11.09 -10.90 3.18
N VAL B 166 10.66 -12.15 3.12
CA VAL B 166 10.00 -12.63 1.89
C VAL B 166 8.67 -11.85 1.72
N LEU B 167 7.94 -11.68 2.81
CA LEU B 167 6.69 -11.00 2.78
C LEU B 167 6.87 -9.52 2.30
N ILE B 168 7.97 -8.88 2.71
CA ILE B 168 8.24 -7.54 2.31
C ILE B 168 8.53 -7.50 0.81
N ARG B 169 9.23 -8.52 0.30
CA ARG B 169 9.48 -8.59 -1.13
CA ARG B 169 9.49 -8.63 -1.12
C ARG B 169 8.16 -8.78 -1.88
N GLN B 170 7.23 -9.51 -1.29
CA GLN B 170 5.90 -9.66 -1.87
C GLN B 170 5.15 -8.33 -1.88
N LEU B 171 5.23 -7.58 -0.80
CA LEU B 171 4.70 -6.20 -0.68
C LEU B 171 5.15 -5.31 -1.84
N VAL B 172 6.47 -5.24 -2.00
CA VAL B 172 7.15 -4.46 -3.03
C VAL B 172 6.74 -4.92 -4.43
N ALA B 173 6.69 -6.23 -4.67
CA ALA B 173 6.27 -6.75 -5.98
C ALA B 173 4.78 -6.42 -6.24
N ASP B 174 3.96 -6.70 -5.25
CA ASP B 174 2.54 -6.66 -5.40
C ASP B 174 2.01 -5.26 -5.53
N PHE B 175 2.63 -4.28 -4.85
CA PHE B 175 2.18 -2.91 -4.94
C PHE B 175 3.01 -2.08 -5.89
N ASN B 176 3.92 -2.71 -6.66
CA ASN B 176 4.70 -2.00 -7.67
C ASN B 176 5.60 -0.90 -7.12
N LEU B 177 6.16 -1.15 -5.91
CA LEU B 177 6.95 -0.10 -5.23
C LEU B 177 8.25 -0.01 -5.99
N ASP B 178 8.73 1.21 -6.17
N ASP B 178 8.86 1.16 -6.17
CA ASP B 178 10.02 1.41 -6.82
CA ASP B 178 10.09 1.18 -7.02
C ASP B 178 11.10 1.57 -5.76
C ASP B 178 11.45 0.83 -6.33
N VAL B 179 11.40 0.47 -5.07
CA VAL B 179 12.55 0.39 -4.16
C VAL B 179 13.24 -0.94 -4.36
N ALA B 180 14.56 -1.00 -4.23
CA ALA B 180 15.25 -2.33 -4.10
C ALA B 180 15.31 -2.85 -2.64
N VAL B 181 14.83 -4.07 -2.40
CA VAL B 181 14.95 -4.70 -1.13
C VAL B 181 16.32 -5.43 -1.03
N VAL B 182 17.16 -5.02 -0.08
CA VAL B 182 18.45 -5.74 0.14
C VAL B 182 18.41 -6.56 1.47
N GLY B 183 18.55 -7.88 1.34
CA GLY B 183 18.67 -8.76 2.55
C GLY B 183 20.15 -8.94 2.92
N VAL B 184 20.50 -8.67 4.17
CA VAL B 184 21.90 -8.68 4.59
C VAL B 184 22.08 -9.93 5.47
N PRO B 185 23.09 -10.75 5.13
CA PRO B 185 23.31 -12.00 5.89
C PRO B 185 23.25 -11.77 7.38
N THR B 186 22.63 -12.70 8.11
CA THR B 186 22.49 -12.54 9.57
C THR B 186 23.86 -12.48 10.30
N VAL B 187 24.04 -11.43 11.11
CA VAL B 187 25.13 -11.30 12.01
C VAL B 187 24.92 -12.27 13.20
N ARG B 188 26.01 -12.98 13.56
CA ARG B 188 25.95 -14.06 14.59
C ARG B 188 27.01 -13.85 15.71
N GLU B 189 26.70 -14.27 16.93
CA GLU B 189 27.71 -14.38 17.98
C GLU B 189 28.83 -15.31 17.53
N ALA B 190 29.92 -15.30 18.32
CA ALA B 190 31.09 -16.19 18.11
C ALA B 190 30.73 -17.69 17.91
N ASP B 191 29.77 -18.21 18.67
CA ASP B 191 29.41 -19.65 18.54
C ASP B 191 28.31 -19.92 17.48
N GLY B 192 27.86 -18.83 16.79
CA GLY B 192 26.89 -18.98 15.66
C GLY B 192 25.46 -18.57 16.00
N LEU B 193 25.23 -18.18 17.25
CA LEU B 193 23.89 -17.82 17.67
C LEU B 193 23.49 -16.51 16.94
N ALA B 194 22.34 -16.56 16.24
CA ALA B 194 21.82 -15.43 15.49
C ALA B 194 21.54 -14.26 16.48
N MET B 195 22.18 -13.15 16.22
CA MET B 195 21.91 -11.95 17.02
C MET B 195 20.44 -11.68 17.10
N SER B 196 20.03 -11.32 18.31
CA SER B 196 18.65 -11.04 18.60
C SER B 196 18.56 -10.29 19.91
N SER B 197 17.59 -9.36 20.01
CA SER B 197 17.44 -8.58 21.24
C SER B 197 17.17 -9.52 22.43
N ARG B 198 16.48 -10.61 22.13
CA ARG B 198 16.12 -11.66 23.08
C ARG B 198 17.23 -12.53 23.66
N ASN B 199 18.42 -12.49 23.09
CA ASN B 199 19.48 -13.37 23.55
C ASN B 199 19.84 -13.10 25.02
N ARG B 200 19.88 -11.82 25.38
CA ARG B 200 20.30 -11.38 26.74
C ARG B 200 19.40 -11.88 27.87
N TYR B 201 18.19 -12.32 27.53
CA TYR B 201 17.29 -12.94 28.52
C TYR B 201 17.64 -14.40 28.87
N LEU B 202 18.42 -15.08 28.02
CA LEU B 202 18.67 -16.52 28.25
C LEU B 202 19.59 -16.64 29.44
N ASP B 203 19.28 -17.54 30.38
CA ASP B 203 20.30 -17.84 31.44
C ASP B 203 21.45 -18.62 30.79
N PRO B 204 22.50 -18.94 31.54
CA PRO B 204 23.63 -19.64 30.89
C PRO B 204 23.31 -21.01 30.30
N ALA B 205 22.38 -21.76 30.90
CA ALA B 205 21.99 -23.07 30.36
C ALA B 205 21.23 -22.90 29.01
N GLN B 206 20.25 -21.99 28.97
CA GLN B 206 19.49 -21.67 27.76
C GLN B 206 20.36 -21.13 26.63
N ARG B 207 21.32 -20.30 27.01
CA ARG B 207 22.22 -19.69 26.12
C ARG B 207 23.08 -20.76 25.52
N ALA B 208 23.53 -21.72 26.35
CA ALA B 208 24.40 -22.79 25.83
C ALA B 208 23.57 -23.72 24.93
N ALA B 209 22.32 -23.98 25.30
CA ALA B 209 21.47 -24.85 24.49
C ALA B 209 21.05 -24.19 23.15
N ALA B 210 20.93 -22.87 23.16
CA ALA B 210 20.49 -22.05 22.02
C ALA B 210 21.40 -22.23 20.80
N VAL B 211 22.68 -22.54 21.05
N VAL B 211 22.66 -22.55 21.07
CA VAL B 211 23.64 -22.73 19.97
CA VAL B 211 23.68 -22.79 20.06
C VAL B 211 23.15 -23.84 19.03
C VAL B 211 23.21 -23.86 19.08
N ALA B 212 22.27 -24.70 19.55
CA ALA B 212 21.79 -25.85 18.77
C ALA B 212 21.05 -25.44 17.48
N LEU B 213 20.39 -24.24 17.51
CA LEU B 213 19.62 -23.86 16.34
C LEU B 213 20.58 -23.60 15.12
N SER B 214 21.61 -22.79 15.31
CA SER B 214 22.55 -22.50 14.26
C SER B 214 23.42 -23.76 13.91
N ALA B 215 23.71 -24.55 14.92
CA ALA B 215 24.50 -25.81 14.77
C ALA B 215 23.70 -26.79 13.90
N ALA B 216 22.38 -26.86 14.16
CA ALA B 216 21.53 -27.76 13.39
C ALA B 216 21.48 -27.35 11.91
N LEU B 217 21.38 -26.05 11.72
CA LEU B 217 21.20 -25.48 10.42
C LEU B 217 22.48 -25.60 9.59
N THR B 218 23.63 -25.27 10.16
CA THR B 218 24.89 -25.43 9.40
CA THR B 218 24.88 -25.42 9.42
C THR B 218 25.15 -26.91 9.12
N ALA B 219 24.85 -27.79 10.09
CA ALA B 219 25.05 -29.23 9.85
C ALA B 219 24.22 -29.63 8.60
N ALA B 220 22.96 -29.18 8.54
CA ALA B 220 22.04 -29.56 7.50
C ALA B 220 22.56 -29.11 6.15
N ALA B 221 23.05 -27.87 6.13
CA ALA B 221 23.55 -27.26 4.92
C ALA B 221 24.69 -28.10 4.37
N HIS B 222 25.63 -28.50 5.25
CA HIS B 222 26.75 -29.36 4.81
C HIS B 222 26.34 -30.79 4.51
N ALA B 223 25.34 -31.31 5.25
CA ALA B 223 24.83 -32.64 4.97
C ALA B 223 24.11 -32.76 3.58
N ALA B 224 23.67 -31.60 3.06
CA ALA B 224 22.75 -31.54 1.88
C ALA B 224 23.30 -32.15 0.61
N THR B 225 24.60 -32.43 0.57
CA THR B 225 25.17 -33.13 -0.58
C THR B 225 24.58 -34.50 -0.65
N ALA B 226 24.08 -34.96 0.49
CA ALA B 226 23.49 -36.29 0.56
C ALA B 226 21.98 -36.25 0.36
N GLY B 227 21.46 -35.06 0.02
CA GLY B 227 20.03 -34.87 -0.24
C GLY B 227 19.22 -34.29 0.93
N ALA B 228 17.90 -34.16 0.69
CA ALA B 228 17.01 -33.36 1.52
C ALA B 228 16.69 -34.07 2.81
N GLN B 229 16.43 -35.35 2.73
CA GLN B 229 16.16 -36.08 3.95
C GLN B 229 17.39 -36.08 4.92
N ALA B 230 18.58 -36.21 4.34
CA ALA B 230 19.86 -36.21 5.05
C ALA B 230 20.08 -34.88 5.73
N ALA B 231 19.85 -33.79 5.00
CA ALA B 231 19.85 -32.43 5.58
C ALA B 231 18.91 -32.29 6.80
N LEU B 232 17.63 -32.64 6.64
CA LEU B 232 16.64 -32.50 7.71
C LEU B 232 16.95 -33.37 8.92
N ASP B 233 17.42 -34.61 8.65
CA ASP B 233 17.66 -35.57 9.69
C ASP B 233 18.84 -35.10 10.49
N ALA B 234 19.82 -34.47 9.82
CA ALA B 234 21.03 -33.97 10.51
C ALA B 234 20.61 -32.83 11.45
N ALA B 235 19.89 -31.83 10.91
CA ALA B 235 19.35 -30.79 11.75
C ALA B 235 18.55 -31.29 12.96
N ARG B 236 17.60 -32.18 12.72
N ARG B 236 17.60 -32.19 12.71
CA ARG B 236 16.81 -32.75 13.82
CA ARG B 236 16.76 -32.81 13.77
C ARG B 236 17.73 -33.38 14.88
C ARG B 236 17.60 -33.55 14.84
N ALA B 237 18.71 -34.16 14.41
CA ALA B 237 19.57 -34.86 15.35
C ALA B 237 20.17 -33.82 16.27
N VAL B 238 20.72 -32.76 15.68
CA VAL B 238 21.40 -31.73 16.45
C VAL B 238 20.41 -31.07 17.48
N LEU B 239 19.19 -30.72 17.03
CA LEU B 239 18.14 -30.23 17.92
C LEU B 239 17.80 -31.23 19.03
N ASP B 240 17.64 -32.52 18.66
CA ASP B 240 17.41 -33.63 19.63
C ASP B 240 18.52 -33.78 20.69
N ALA B 241 19.74 -33.31 20.41
CA ALA B 241 20.82 -33.40 21.40
C ALA B 241 20.73 -32.28 22.45
N ALA B 242 19.83 -31.27 22.31
CA ALA B 242 19.81 -30.16 23.27
C ALA B 242 18.67 -30.28 24.30
N PRO B 243 18.96 -30.02 25.60
CA PRO B 243 17.81 -30.07 26.50
C PRO B 243 17.03 -28.69 26.47
N GLY B 244 15.76 -28.68 26.84
CA GLY B 244 14.96 -27.45 26.95
C GLY B 244 14.74 -26.68 25.65
N VAL B 245 14.77 -27.38 24.51
CA VAL B 245 14.63 -26.68 23.23
C VAL B 245 13.40 -27.21 22.54
N ALA B 246 12.32 -26.47 22.59
CA ALA B 246 11.03 -27.00 22.17
C ALA B 246 10.78 -26.46 20.78
N VAL B 247 10.96 -27.31 19.77
CA VAL B 247 11.02 -26.84 18.40
C VAL B 247 9.60 -26.67 17.90
N ASP B 248 9.26 -25.46 17.50
CA ASP B 248 7.93 -25.28 16.95
C ASP B 248 7.86 -25.73 15.47
N TYR B 249 8.89 -25.48 14.66
CA TYR B 249 8.91 -26.11 13.31
C TYR B 249 10.35 -26.18 12.82
N LEU B 250 10.59 -27.00 11.81
CA LEU B 250 11.89 -27.06 11.19
C LEU B 250 11.47 -27.37 9.76
N GLU B 251 11.61 -26.42 8.84
N GLU B 251 11.69 -26.43 8.84
CA GLU B 251 11.03 -26.64 7.49
CA GLU B 251 11.04 -26.53 7.52
C GLU B 251 11.95 -26.20 6.39
C GLU B 251 11.97 -26.17 6.37
N LEU B 252 12.05 -27.06 5.38
CA LEU B 252 12.84 -26.80 4.20
C LEU B 252 11.85 -26.34 3.13
N ARG B 253 12.12 -25.16 2.59
CA ARG B 253 11.27 -24.58 1.55
C ARG B 253 12.13 -24.03 0.43
N ASP B 254 11.51 -23.60 -0.68
N ASP B 254 11.49 -23.56 -0.65
CA ASP B 254 12.26 -22.85 -1.70
CA ASP B 254 12.18 -22.80 -1.70
C ASP B 254 12.52 -21.45 -1.20
C ASP B 254 12.55 -21.44 -1.16
N ILE B 255 13.41 -20.74 -1.90
CA ILE B 255 13.86 -19.43 -1.47
C ILE B 255 12.70 -18.42 -1.29
N GLY B 256 11.56 -18.67 -1.95
CA GLY B 256 10.35 -17.82 -1.83
C GLY B 256 9.42 -18.36 -0.76
N LEU B 257 9.84 -19.41 -0.06
CA LEU B 257 9.02 -20.07 0.92
C LEU B 257 7.80 -20.88 0.41
N GLY B 258 7.72 -21.16 -0.89
CA GLY B 258 6.85 -22.21 -1.37
C GLY B 258 7.57 -23.56 -1.18
N PRO B 259 7.05 -24.63 -1.83
CA PRO B 259 7.63 -25.89 -1.40
C PRO B 259 8.99 -26.17 -2.06
N MET B 260 9.84 -26.87 -1.32
CA MET B 260 11.18 -27.14 -1.79
C MET B 260 11.15 -27.89 -3.13
N PRO B 261 11.83 -27.37 -4.16
CA PRO B 261 11.86 -28.08 -5.45
C PRO B 261 12.66 -29.40 -5.34
N LEU B 262 12.41 -30.33 -6.28
CA LEU B 262 13.25 -31.53 -6.52
C LEU B 262 14.72 -31.38 -6.05
N ASN B 263 15.47 -30.59 -6.80
CA ASN B 263 16.80 -30.15 -6.40
C ASN B 263 17.06 -28.72 -6.89
N GLY B 264 17.80 -27.94 -6.10
CA GLY B 264 18.06 -26.55 -6.41
C GLY B 264 18.30 -25.77 -5.12
N SER B 265 18.11 -24.46 -5.17
CA SER B 265 18.26 -23.61 -4.00
C SER B 265 17.04 -23.68 -3.08
N GLY B 266 17.30 -23.67 -1.78
CA GLY B 266 16.31 -23.69 -0.73
C GLY B 266 16.67 -22.84 0.48
N ARG B 267 15.77 -22.82 1.46
CA ARG B 267 16.02 -22.18 2.73
C ARG B 267 15.49 -23.17 3.75
N LEU B 268 16.21 -23.34 4.87
CA LEU B 268 15.79 -24.17 5.98
C LEU B 268 15.52 -23.25 7.16
N LEU B 269 14.33 -23.34 7.73
CA LEU B 269 13.97 -22.37 8.77
C LEU B 269 13.66 -23.13 10.04
N VAL B 270 14.01 -22.59 11.20
CA VAL B 270 13.70 -23.26 12.44
C VAL B 270 13.14 -22.26 13.46
N ALA B 271 12.21 -22.68 14.31
CA ALA B 271 11.81 -21.88 15.46
C ALA B 271 11.64 -22.73 16.71
N ALA B 272 11.92 -22.18 17.87
CA ALA B 272 11.93 -22.99 19.09
C ALA B 272 11.75 -22.13 20.31
N ARG B 273 11.28 -22.73 21.40
CA ARG B 273 11.13 -22.01 22.66
C ARG B 273 12.14 -22.48 23.70
N LEU B 274 12.86 -21.56 24.31
CA LEU B 274 13.73 -21.93 25.39
C LEU B 274 13.20 -21.22 26.60
N GLY B 275 12.59 -21.96 27.53
CA GLY B 275 11.99 -21.28 28.73
C GLY B 275 10.89 -20.39 28.15
N THR B 276 10.97 -19.09 28.39
CA THR B 276 9.94 -18.16 27.82
C THR B 276 10.29 -17.42 26.50
N THR B 277 11.52 -17.62 26.03
CA THR B 277 12.03 -16.92 24.88
C THR B 277 11.87 -17.75 23.59
N ARG B 278 11.38 -17.10 22.54
CA ARG B 278 11.19 -17.74 21.26
C ARG B 278 12.35 -17.31 20.33
N LEU B 279 13.04 -18.28 19.72
CA LEU B 279 14.22 -18.02 18.90
C LEU B 279 13.98 -18.51 17.46
N LEU B 280 14.54 -17.85 16.46
CA LEU B 280 14.32 -18.26 15.06
C LEU B 280 15.69 -18.21 14.42
N ASP B 281 15.90 -18.98 13.34
CA ASP B 281 17.09 -18.89 12.56
C ASP B 281 16.76 -19.54 11.25
N ASN B 282 17.60 -19.35 10.27
CA ASN B 282 17.30 -19.98 8.96
C ASN B 282 18.60 -19.95 8.21
N ILE B 283 18.71 -20.73 7.13
CA ILE B 283 19.94 -20.80 6.37
C ILE B 283 19.68 -21.16 4.94
N ALA B 284 20.54 -20.70 4.05
CA ALA B 284 20.57 -21.17 2.64
C ALA B 284 20.92 -22.64 2.57
N ILE B 285 20.20 -23.39 1.73
CA ILE B 285 20.39 -24.83 1.53
C ILE B 285 20.47 -25.11 -0.02
N GLU B 286 21.42 -25.92 -0.45
CA GLU B 286 21.53 -26.29 -1.88
C GLU B 286 21.40 -27.81 -1.97
N ILE B 287 20.40 -28.30 -2.69
CA ILE B 287 20.19 -29.77 -2.74
C ILE B 287 21.09 -30.56 -3.70
N GLY B 288 21.99 -31.37 -3.09
CA GLY B 288 22.85 -32.32 -3.82
C GLY B 288 24.33 -31.93 -3.74
O 2DH C . -20.42 5.86 -13.24
C 2DH C . -19.61 6.58 -13.78
OXT 2DH C . -19.19 6.52 -14.97
CA 2DH C . -19.28 7.76 -12.93
N 2DH C . -18.05 8.55 -13.18
CBB 2DH C . -18.21 9.88 -13.30
CAO 2DH C . -19.34 10.60 -13.28
CAN 2DH C . -19.27 11.99 -13.40
CAW 2DH C . -18.02 12.59 -13.59
OAT 2DH C . -18.04 13.94 -13.69
CAA 2DH C . -16.73 14.51 -13.44
CAP 2DH C . -16.83 11.79 -13.60
CBA 2DH C . -16.97 10.44 -13.47
CAQ 2DH C . -16.08 9.41 -13.46
CAZ 2DH C . -16.74 8.25 -13.26
CAV 2DH C . -16.27 6.96 -13.18
OAC 2DH C . -16.83 6.14 -12.44
NAS 2DH C . -15.24 6.60 -13.97
SBE 2DH C . -14.86 5.07 -14.08
OAD 2DH C . -15.69 4.01 -13.56
OAE 2DH C . -14.04 4.68 -15.28
CAY 2DH C . -13.81 4.86 -12.65
CAL 2DH C . -12.66 5.61 -12.43
CAJ 2DH C . -11.87 5.28 -11.30
CAX 2DH C . -12.18 4.25 -10.38
CBD 2DH C . -11.26 3.96 -9.31
FAH 2DH C . -11.26 2.66 -8.94
FAI 2DH C . -9.97 4.12 -9.88
FAG 2DH C . -11.35 4.69 -8.24
CAK 2DH C . -13.34 3.53 -10.62
CAM 2DH C . -14.14 3.84 -11.75
O 2DH D . -12.71 -14.83 2.97
C 2DH D . -12.87 -14.86 1.71
OXT 2DH D . -12.45 -15.79 1.00
CA 2DH D . -13.57 -13.64 1.01
N 2DH D . -13.92 -12.61 2.08
CBB 2DH D . -15.13 -12.41 2.65
CAO 2DH D . -16.33 -12.99 2.46
CAN 2DH D . -17.45 -12.63 3.20
CAW 2DH D . -17.29 -11.62 4.14
OAT 2DH D . -18.34 -11.20 4.90
CAA 2DH D . -18.11 -9.89 5.51
CAP 2DH D . -16.05 -11.05 4.31
CBA 2DH D . -15.00 -11.44 3.58
CAQ 2DH D . -13.73 -11.02 3.59
CAZ 2DH D . -13.07 -11.71 2.66
CAV 2DH D . -11.76 -11.57 2.42
OAC 2DH D . -11.05 -10.82 3.10
NAS 2DH D . -11.28 -12.27 1.40
SBE 2DH D . -9.67 -12.23 1.25
OAD 2DH D . -8.90 -11.21 2.15
OAE 2DH D . -8.99 -13.02 0.13
CAY 2DH D . -9.70 -10.91 -0.10
CAL 2DH D . -10.32 -11.18 -1.34
CAJ 2DH D . -10.28 -10.23 -2.35
CAX 2DH D . -9.63 -9.01 -2.15
CBD 2DH D . -9.57 -8.04 -3.18
FAH 2DH D . -8.58 -7.16 -2.95
FAI 2DH D . -9.27 -8.52 -4.26
FAG 2DH D . -10.79 -7.40 -3.34
CAK 2DH D . -9.02 -8.76 -0.92
CAM 2DH D . -9.04 -9.70 0.10
C1 EOH E . -9.83 1.04 -12.21
C2 EOH E . -10.66 -0.08 -11.57
O EOH E . -8.70 0.53 -12.92
C1 EOH F . -5.39 -5.13 -23.22
C2 EOH F . -6.48 -4.19 -22.69
O EOH F . -4.11 -4.48 -23.15
O 2DH G . 17.43 -7.46 16.89
C 2DH G . 16.77 -8.47 16.55
OXT 2DH G . 15.91 -8.99 17.26
CA 2DH G . 17.15 -9.20 15.26
N 2DH G . 17.63 -8.29 14.14
CBB 2DH G . 18.73 -8.60 13.42
CAO 2DH G . 19.57 -9.63 13.56
CAN 2DH G . 20.68 -9.79 12.74
CAW 2DH G . 20.89 -8.86 11.71
OAT 2DH G . 21.96 -9.10 10.90
CAA 2DH G . 22.41 -8.15 9.91
CAP 2DH G . 19.98 -7.81 11.60
CBA 2DH G . 18.92 -7.69 12.45
CAQ 2DH G . 17.94 -6.79 12.55
CAZ 2DH G . 17.14 -7.14 13.58
CAV 2DH G . 16.02 -6.47 14.00
OAC 2DH G . 14.98 -7.04 14.26
NAS 2DH G . 15.97 -5.14 14.03
SBE 2DH G . 14.68 -4.53 14.65
OAD 2DH G . 13.54 -5.27 15.26
OAE 2DH G . 14.75 -3.18 15.34
CAY 2DH G . 13.48 -4.44 13.21
CAL 2DH G . 13.84 -3.98 11.96
CAJ 2DH G . 12.86 -3.93 10.97
CAX 2DH G . 11.55 -4.33 11.13
CBD 2DH G . 10.60 -4.19 10.03
FAH 2DH G . 9.34 -4.09 10.56
FAI 2DH G . 10.74 -2.98 9.33
FAG 2DH G . 10.74 -5.09 9.07
CAK 2DH G . 11.19 -4.82 12.38
CAM 2DH G . 12.16 -4.86 13.41
C1 EDO H . 10.60 -24.88 26.35
O1 EDO H . 11.94 -24.68 26.87
C2 EDO H . 9.96 -26.07 27.08
O2 EDO H . 10.17 -25.91 28.52
C1 EDO I . 8.18 3.70 -2.02
O1 EDO I . 9.33 3.15 -2.63
C2 EDO I . 7.09 3.39 -3.03
O2 EDO I . 7.60 3.54 -4.36
#